data_8Z7E
#
_entry.id   8Z7E
#
_cell.length_a   56.815
_cell.length_b   73.956
_cell.length_c   77.074
_cell.angle_alpha   90.00
_cell.angle_beta   93.95
_cell.angle_gamma   90.00
#
_symmetry.space_group_name_H-M   'P 1 21 1'
#
loop_
_entity.id
_entity.type
_entity.pdbx_description
1 polymer 'Histone-lysine N-methyltransferase EHMT2'
2 non-polymer 'ZINC ION'
3 non-polymer SINEFUNGIN
4 non-polymer ~{N}-[(2~{S})-1-[[4-[(dimethylamino)methyl]phenyl]methylamino]-1-oxidanylidene-hexan-2-yl]-3,6,6-trimethyl-4-oxidanylidene-5,7-dihydro-1~{H}-indole-2-carboxamide
5 water water
#
_entity_poly.entity_id   1
_entity_poly.type   'polypeptide(L)'
_entity_poly.pdbx_seq_one_letter_code
;GSNRAIRTEKIICRDVARGYENVPIPCVNGVDGEPCPEDYKYISENCETSTMNIDRNITHLQHCTCVDDCSSSNCLCGQL
SIRCWYDKDGRLLQEFNKIEPPLIFECNQACSCWRNCKNRVVQSGIKVRLQLYRTAKMGWGVRALQTIPQGTFICEYVGE
LISDAEADVREDDSYLFDLDNKDGEVYCIDARYYGNISRFINHLCDPNIIPVRVFMLHQDLRFPRIAFFSSRDIRTGEEL
GFDYGDRFWDIKSKYFTCQCGSEKCKHSAEAIALEQSRLARLD
;
_entity_poly.pdbx_strand_id   A,B
#
loop_
_chem_comp.id
_chem_comp.type
_chem_comp.name
_chem_comp.formula
A1L09 non-polymer ~{N}-[(2~{S})-1-[[4-[(dimethylamino)methyl]phenyl]methylamino]-1-oxidanylidene-hexan-2-yl]-3,6,6-trimethyl-4-oxidanylidene-5,7-dihydro-1~{H}-indole-2-carboxamide 'C28 H40 N4 O3'
SFG non-polymer SINEFUNGIN 'C15 H23 N7 O5'
ZN non-polymer 'ZINC ION' 'Zn 2'
#
# COMPACT_ATOMS: atom_id res chain seq x y z
N GLU A 9 -22.08 -12.51 27.81
CA GLU A 9 -21.51 -12.10 26.53
C GLU A 9 -21.13 -10.62 26.54
N LYS A 10 -19.95 -10.31 26.00
CA LYS A 10 -19.37 -8.99 26.12
C LYS A 10 -18.54 -8.62 24.91
N ILE A 11 -18.69 -7.39 24.42
CA ILE A 11 -17.75 -6.83 23.44
C ILE A 11 -16.44 -6.53 24.15
N ILE A 12 -15.39 -7.28 23.83
CA ILE A 12 -14.14 -7.15 24.56
C ILE A 12 -13.09 -6.32 23.79
N CYS A 13 -13.39 -6.00 22.53
CA CYS A 13 -12.57 -5.09 21.73
C CYS A 13 -13.38 -4.49 20.58
N ARG A 14 -13.28 -3.18 20.38
CA ARG A 14 -14.12 -2.54 19.37
C ARG A 14 -13.59 -2.75 17.93
N ASP A 15 -12.27 -2.91 17.80
CA ASP A 15 -11.69 -3.14 16.47
C ASP A 15 -10.33 -3.79 16.61
N VAL A 16 -10.27 -5.08 16.29
CA VAL A 16 -9.00 -5.80 16.42
C VAL A 16 -8.00 -5.30 15.37
N ALA A 17 -8.48 -4.65 14.32
CA ALA A 17 -7.60 -4.14 13.27
C ALA A 17 -7.04 -2.74 13.56
N ARG A 18 -7.42 -2.17 14.71
CA ARG A 18 -6.93 -0.85 15.12
C ARG A 18 -7.06 0.21 14.03
N GLY A 19 -8.15 0.17 13.26
CA GLY A 19 -8.40 1.16 12.24
C GLY A 19 -7.68 0.96 10.91
N TYR A 20 -7.01 -0.18 10.75
CA TYR A 20 -6.22 -0.41 9.55
C TYR A 20 -7.06 -0.86 8.36
N GLU A 21 -8.25 -1.41 8.62
CA GLU A 21 -9.13 -1.84 7.54
C GLU A 21 -10.14 -0.74 7.21
N ASN A 22 -10.90 -0.91 6.13
CA ASN A 22 -11.91 0.08 5.76
C ASN A 22 -13.02 0.16 6.79
N VAL A 23 -13.21 -0.95 7.49
CA VAL A 23 -14.28 -1.11 8.45
C VAL A 23 -13.71 -1.72 9.73
N PRO A 24 -14.35 -1.47 10.88
CA PRO A 24 -13.87 -2.13 12.09
C PRO A 24 -14.20 -3.62 12.13
N ILE A 25 -13.46 -4.37 12.92
CA ILE A 25 -13.73 -5.79 13.17
C ILE A 25 -13.76 -6.00 14.67
N PRO A 26 -14.94 -5.87 15.29
CA PRO A 26 -15.10 -6.04 16.73
C PRO A 26 -14.84 -7.48 17.17
N CYS A 27 -14.57 -7.66 18.46
CA CYS A 27 -14.39 -8.97 19.05
C CYS A 27 -15.35 -9.15 20.24
N VAL A 28 -16.05 -10.27 20.25
CA VAL A 28 -16.99 -10.56 21.32
C VAL A 28 -16.70 -11.94 21.90
N ASN A 29 -16.96 -12.09 23.20
CA ASN A 29 -16.83 -13.40 23.85
C ASN A 29 -18.02 -13.68 24.78
N GLY A 30 -18.79 -14.70 24.43
CA GLY A 30 -19.90 -15.11 25.29
C GLY A 30 -19.73 -16.53 25.78
N VAL A 31 -18.51 -17.06 25.65
CA VAL A 31 -18.23 -18.46 25.99
C VAL A 31 -17.34 -18.62 27.21
N ASP A 32 -16.27 -17.85 27.31
CA ASP A 32 -15.39 -17.95 28.47
C ASP A 32 -14.74 -16.62 28.81
N GLY A 33 -13.72 -16.68 29.67
CA GLY A 33 -13.06 -15.48 30.15
C GLY A 33 -11.85 -15.03 29.34
N GLU A 34 -11.61 -15.69 28.21
CA GLU A 34 -10.48 -15.33 27.36
C GLU A 34 -10.59 -13.92 26.82
N PRO A 35 -9.57 -13.09 27.08
CA PRO A 35 -9.55 -11.76 26.46
C PRO A 35 -9.35 -11.89 24.97
N CYS A 36 -9.52 -10.81 24.22
CA CYS A 36 -9.25 -10.85 22.79
C CYS A 36 -7.79 -11.20 22.59
N PRO A 37 -7.49 -12.08 21.63
CA PRO A 37 -6.15 -12.62 21.38
C PRO A 37 -5.06 -11.54 21.24
N GLU A 38 -3.94 -11.75 21.93
CA GLU A 38 -2.85 -10.80 21.94
C GLU A 38 -1.54 -11.42 21.49
N ASP A 39 -1.56 -12.71 21.22
CA ASP A 39 -0.34 -13.46 20.90
C ASP A 39 0.01 -13.43 19.41
N TYR A 40 -0.27 -12.29 18.79
CA TYR A 40 0.08 -12.03 17.38
C TYR A 40 0.05 -10.53 17.18
N LYS A 41 0.56 -10.07 16.04
CA LYS A 41 0.46 -8.66 15.67
C LYS A 41 -0.49 -8.51 14.49
N TYR A 42 -1.56 -7.75 14.63
CA TYR A 42 -2.46 -7.55 13.50
C TYR A 42 -1.78 -6.66 12.45
N ILE A 43 -1.71 -7.16 11.22
CA ILE A 43 -1.28 -6.37 10.07
C ILE A 43 -2.32 -6.50 8.94
N SER A 44 -2.54 -5.42 8.22
CA SER A 44 -3.57 -5.42 7.17
C SER A 44 -3.04 -5.83 5.77
N GLU A 45 -1.72 -5.78 5.61
CA GLU A 45 -1.09 -6.21 4.36
C GLU A 45 0.08 -7.11 4.66
N ASN A 46 0.40 -7.98 3.70
CA ASN A 46 1.47 -8.96 3.90
C ASN A 46 2.78 -8.29 4.29
N CYS A 47 3.55 -8.98 5.12
CA CYS A 47 4.87 -8.50 5.49
C CYS A 47 5.93 -9.54 5.16
N GLU A 48 7.18 -9.13 5.32
CA GLU A 48 8.32 -10.02 5.21
C GLU A 48 9.16 -9.84 6.45
N THR A 49 9.80 -10.90 6.92
CA THR A 49 10.93 -10.70 7.80
C THR A 49 12.15 -10.79 6.87
N SER A 50 12.72 -11.97 6.68
CA SER A 50 13.81 -12.06 5.69
C SER A 50 13.26 -11.79 4.29
N THR A 51 14.06 -11.18 3.40
CA THR A 51 13.48 -10.75 2.11
C THR A 51 13.15 -11.93 1.19
N MET A 52 12.04 -11.78 0.45
CA MET A 52 11.61 -12.81 -0.50
C MET A 52 12.08 -12.50 -1.91
N ASN A 53 12.73 -11.36 -2.07
CA ASN A 53 13.18 -10.91 -3.38
C ASN A 53 12.03 -10.87 -4.39
N ILE A 54 10.90 -10.32 -3.98
CA ILE A 54 9.76 -10.23 -4.89
C ILE A 54 10.10 -9.35 -6.10
N ASP A 55 9.73 -9.82 -7.28
CA ASP A 55 9.93 -9.02 -8.49
C ASP A 55 8.89 -7.89 -8.54
N ARG A 56 9.31 -6.68 -8.16
CA ARG A 56 8.39 -5.52 -8.11
C ARG A 56 8.49 -4.67 -9.36
N ASN A 57 9.35 -5.08 -10.29
CA ASN A 57 9.69 -4.29 -11.49
C ASN A 57 8.42 -3.87 -12.24
N ILE A 58 8.20 -2.57 -12.39
CA ILE A 58 6.94 -2.11 -12.96
C ILE A 58 6.86 -2.51 -14.44
N THR A 59 8.02 -2.68 -15.08
CA THR A 59 8.06 -3.07 -16.48
C THR A 59 7.82 -4.57 -16.67
N HIS A 60 7.73 -5.33 -15.58
CA HIS A 60 7.41 -6.76 -15.65
C HIS A 60 5.93 -7.03 -15.43
N LEU A 61 5.12 -5.98 -15.43
CA LEU A 61 3.68 -6.14 -15.32
C LEU A 61 3.05 -6.26 -16.69
N GLN A 62 2.25 -7.31 -16.91
CA GLN A 62 1.33 -7.26 -18.04
C GLN A 62 0.21 -6.30 -17.64
N HIS A 63 -0.30 -5.53 -18.60
CA HIS A 63 -1.23 -4.48 -18.26
C HIS A 63 -2.09 -4.12 -19.46
N CYS A 64 -3.14 -3.34 -19.25
CA CYS A 64 -4.08 -3.06 -20.30
C CYS A 64 -3.97 -1.63 -20.83
N THR A 65 -4.62 -1.38 -21.96
CA THR A 65 -4.59 -0.08 -22.63
C THR A 65 -5.98 0.53 -22.67
N CYS A 66 -6.87 0.07 -21.80
CA CYS A 66 -8.25 0.56 -21.74
C CYS A 66 -8.35 2.03 -21.34
N VAL A 67 -9.30 2.72 -21.95
CA VAL A 67 -9.64 4.08 -21.56
C VAL A 67 -11.06 4.14 -21.05
N ASP A 68 -11.71 2.99 -20.96
CA ASP A 68 -12.99 2.89 -20.28
C ASP A 68 -12.79 2.34 -18.88
N ASP A 69 -13.81 1.66 -18.35
CA ASP A 69 -13.75 1.12 -16.99
C ASP A 69 -13.33 -0.34 -16.98
N CYS A 70 -12.71 -0.79 -18.06
CA CYS A 70 -12.22 -2.16 -18.21
C CYS A 70 -13.36 -3.18 -18.16
N SER A 71 -14.48 -2.82 -18.75
CA SER A 71 -15.60 -3.75 -18.84
C SER A 71 -15.67 -4.43 -20.21
N SER A 72 -14.81 -4.01 -21.15
CA SER A 72 -14.84 -4.58 -22.49
C SER A 72 -13.96 -5.80 -22.60
N SER A 73 -14.19 -6.59 -23.64
CA SER A 73 -13.42 -7.81 -23.84
C SER A 73 -11.98 -7.50 -24.29
N ASN A 74 -11.70 -6.23 -24.54
CA ASN A 74 -10.38 -5.80 -25.01
C ASN A 74 -9.37 -5.57 -23.88
N CYS A 75 -9.83 -5.70 -22.63
CA CYS A 75 -8.94 -5.51 -21.48
C CYS A 75 -7.97 -6.68 -21.33
N LEU A 76 -6.69 -6.46 -21.56
CA LEU A 76 -5.70 -7.55 -21.46
C LEU A 76 -5.73 -8.21 -20.08
N CYS A 77 -5.90 -7.41 -19.04
CA CYS A 77 -5.88 -7.94 -17.67
C CYS A 77 -6.99 -8.96 -17.48
N GLY A 78 -8.17 -8.64 -18.00
CA GLY A 78 -9.27 -9.60 -17.97
C GLY A 78 -8.94 -10.87 -18.74
N GLN A 79 -8.32 -10.70 -19.90
CA GLN A 79 -7.96 -11.84 -20.76
C GLN A 79 -6.97 -12.77 -20.06
N LEU A 80 -6.15 -12.23 -19.18
CA LEU A 80 -5.21 -13.08 -18.43
C LEU A 80 -5.92 -14.14 -17.58
N SER A 81 -7.20 -13.94 -17.28
CA SER A 81 -8.03 -15.04 -16.73
C SER A 81 -9.19 -15.42 -17.64
N ILE A 82 -8.94 -15.41 -18.94
CA ILE A 82 -9.96 -15.57 -19.97
C ILE A 82 -10.88 -14.36 -20.02
N ARG A 83 -11.45 -13.99 -18.87
CA ARG A 83 -12.24 -12.75 -18.77
C ARG A 83 -12.17 -12.17 -17.37
N CYS A 84 -12.53 -10.89 -17.25
CA CYS A 84 -12.69 -10.30 -15.92
C CYS A 84 -13.88 -10.97 -15.25
N TRP A 85 -13.68 -11.45 -14.02
CA TRP A 85 -14.71 -12.22 -13.36
C TRP A 85 -15.55 -11.37 -12.40
N TYR A 86 -15.35 -10.06 -12.42
CA TYR A 86 -16.08 -9.17 -11.52
C TYR A 86 -17.22 -8.47 -12.20
N ASP A 87 -18.39 -8.40 -11.56
CA ASP A 87 -19.47 -7.58 -12.13
C ASP A 87 -19.33 -6.13 -11.67
N LYS A 88 -20.30 -5.28 -12.02
CA LYS A 88 -20.17 -3.85 -11.76
C LYS A 88 -20.16 -3.53 -10.28
N ASP A 89 -20.60 -4.49 -9.48
CA ASP A 89 -20.67 -4.32 -8.03
C ASP A 89 -19.51 -5.01 -7.33
N GLY A 90 -18.56 -5.54 -8.09
CA GLY A 90 -17.40 -6.18 -7.53
C GLY A 90 -17.56 -7.64 -7.13
N ARG A 91 -18.67 -8.26 -7.53
CA ARG A 91 -18.90 -9.68 -7.17
C ARG A 91 -18.53 -10.61 -8.30
N LEU A 92 -18.09 -11.81 -7.94
CA LEU A 92 -17.77 -12.82 -8.93
C LEU A 92 -18.99 -13.17 -9.76
N LEU A 93 -18.79 -13.34 -11.06
CA LEU A 93 -19.86 -13.78 -11.95
C LEU A 93 -20.39 -15.15 -11.52
N GLN A 94 -21.64 -15.42 -11.86
CA GLN A 94 -22.27 -16.69 -11.51
C GLN A 94 -21.51 -17.91 -12.01
N GLU A 95 -20.92 -17.78 -13.20
CA GLU A 95 -20.27 -18.92 -13.84
C GLU A 95 -18.81 -19.10 -13.41
N PHE A 96 -18.36 -18.29 -12.46
CA PHE A 96 -17.00 -18.41 -11.93
C PHE A 96 -16.78 -19.82 -11.38
N ASN A 97 -15.64 -20.42 -11.74
CA ASN A 97 -15.33 -21.77 -11.27
C ASN A 97 -14.92 -21.76 -9.80
N LYS A 98 -15.83 -22.17 -8.92
CA LYS A 98 -15.57 -22.14 -7.48
C LYS A 98 -14.85 -23.39 -6.99
N ILE A 99 -14.73 -24.39 -7.87
CA ILE A 99 -14.04 -25.62 -7.51
C ILE A 99 -12.55 -25.49 -7.79
N GLU A 100 -12.22 -24.99 -8.98
CA GLU A 100 -10.84 -24.71 -9.34
C GLU A 100 -10.73 -23.29 -9.90
N PRO A 101 -10.69 -22.30 -9.00
CA PRO A 101 -10.69 -20.91 -9.47
C PRO A 101 -9.45 -20.54 -10.28
N PRO A 102 -9.62 -19.77 -11.36
CA PRO A 102 -8.49 -19.30 -12.15
C PRO A 102 -7.68 -18.28 -11.37
N LEU A 103 -6.44 -18.04 -11.80
CA LEU A 103 -5.67 -16.91 -11.28
C LEU A 103 -6.32 -15.62 -11.76
N ILE A 104 -6.58 -14.69 -10.86
CA ILE A 104 -7.12 -13.37 -11.23
C ILE A 104 -6.01 -12.33 -11.32
N PHE A 105 -5.98 -11.62 -12.45
CA PHE A 105 -5.05 -10.50 -12.61
C PHE A 105 -5.81 -9.19 -12.60
N GLU A 106 -5.72 -8.48 -11.48
CA GLU A 106 -6.38 -7.19 -11.36
C GLU A 106 -5.57 -6.16 -12.10
N CYS A 107 -6.20 -5.04 -12.43
CA CYS A 107 -5.47 -3.96 -13.04
C CYS A 107 -4.45 -3.38 -12.05
N ASN A 108 -3.49 -2.64 -12.57
CA ASN A 108 -2.35 -2.27 -11.77
C ASN A 108 -1.82 -0.92 -12.20
N GLN A 109 -0.71 -0.50 -11.60
CA GLN A 109 -0.17 0.83 -11.82
C GLN A 109 0.41 1.03 -13.24
N ALA A 110 0.60 -0.05 -14.00
CA ALA A 110 1.06 0.09 -15.37
C ALA A 110 -0.10 0.27 -16.35
N CYS A 111 -1.30 -0.16 -15.96
CA CYS A 111 -2.48 -0.02 -16.82
C CYS A 111 -2.82 1.44 -17.11
N SER A 112 -3.39 1.70 -18.28
CA SER A 112 -3.76 3.05 -18.67
C SER A 112 -5.09 3.48 -18.05
N CYS A 113 -5.83 2.54 -17.49
CA CYS A 113 -7.15 2.81 -16.90
C CYS A 113 -7.06 3.57 -15.59
N TRP A 114 -8.20 4.05 -15.13
CA TRP A 114 -8.26 4.76 -13.86
C TRP A 114 -8.37 3.81 -12.67
N ARG A 115 -8.01 4.32 -11.50
CA ARG A 115 -8.00 3.54 -10.27
C ARG A 115 -9.39 2.96 -9.94
N ASN A 116 -10.44 3.57 -10.47
CA ASN A 116 -11.79 3.11 -10.16
C ASN A 116 -12.38 2.19 -11.24
N CYS A 117 -11.51 1.53 -12.02
CA CYS A 117 -12.02 0.63 -13.05
C CYS A 117 -12.63 -0.61 -12.38
N LYS A 118 -13.31 -1.45 -13.16
CA LYS A 118 -14.07 -2.57 -12.59
C LYS A 118 -13.18 -3.75 -12.19
N ASN A 119 -11.90 -3.70 -12.54
CA ASN A 119 -11.03 -4.85 -12.29
C ASN A 119 -10.07 -4.65 -11.12
N ARG A 120 -10.57 -4.18 -9.97
CA ARG A 120 -9.71 -3.81 -8.85
C ARG A 120 -10.33 -4.07 -7.47
N VAL A 121 -11.03 -5.18 -7.35
CA VAL A 121 -11.80 -5.49 -6.16
C VAL A 121 -10.95 -5.79 -4.92
N VAL A 122 -10.05 -6.76 -5.04
CA VAL A 122 -9.29 -7.17 -3.88
C VAL A 122 -8.39 -6.03 -3.40
N GLN A 123 -7.85 -5.24 -4.33
CA GLN A 123 -6.93 -4.19 -3.92
C GLN A 123 -7.64 -3.06 -3.17
N SER A 124 -8.97 -3.09 -3.18
CA SER A 124 -9.79 -2.08 -2.50
C SER A 124 -10.15 -2.41 -1.06
N GLY A 125 -9.87 -3.63 -0.63
CA GLY A 125 -9.95 -3.96 0.78
C GLY A 125 -11.30 -4.46 1.28
N ILE A 126 -11.40 -4.61 2.60
CA ILE A 126 -12.57 -5.21 3.24
C ILE A 126 -13.74 -4.22 3.19
N LYS A 127 -14.91 -4.71 2.80
CA LYS A 127 -16.10 -3.87 2.76
C LYS A 127 -17.23 -4.42 3.65
N VAL A 128 -17.18 -5.72 3.96
CA VAL A 128 -18.27 -6.31 4.74
C VAL A 128 -18.01 -6.22 6.24
N ARG A 129 -19.09 -6.30 7.00
CA ARG A 129 -18.99 -6.22 8.45
C ARG A 129 -18.83 -7.61 9.04
N LEU A 130 -17.70 -7.80 9.71
CA LEU A 130 -17.35 -9.08 10.32
C LEU A 130 -17.17 -8.93 11.81
N GLN A 131 -17.14 -10.06 12.52
CA GLN A 131 -16.93 -10.06 13.94
C GLN A 131 -16.07 -11.23 14.36
N LEU A 132 -15.03 -10.95 15.12
CA LEU A 132 -14.26 -12.01 15.77
C LEU A 132 -15.03 -12.46 16.99
N TYR A 133 -15.28 -13.76 17.12
CA TYR A 133 -16.05 -14.24 18.25
C TYR A 133 -15.51 -15.54 18.81
N ARG A 134 -15.83 -15.80 20.07
CA ARG A 134 -15.43 -17.05 20.70
C ARG A 134 -16.44 -18.14 20.36
N THR A 135 -15.98 -19.19 19.68
CA THR A 135 -16.83 -20.32 19.34
C THR A 135 -16.94 -21.28 20.51
N ALA A 136 -17.88 -22.22 20.39
CA ALA A 136 -18.08 -23.21 21.44
C ALA A 136 -16.96 -24.26 21.51
N LYS A 137 -16.42 -24.64 20.36
CA LYS A 137 -15.57 -25.83 20.31
C LYS A 137 -14.29 -25.66 19.50
N MET A 138 -14.16 -24.52 18.83
CA MET A 138 -13.09 -24.31 17.86
C MET A 138 -12.21 -23.09 18.13
N GLY A 139 -12.24 -22.56 19.36
CA GLY A 139 -11.46 -21.39 19.66
C GLY A 139 -12.13 -20.14 19.12
N TRP A 140 -11.33 -19.17 18.66
CA TRP A 140 -11.89 -18.00 18.00
C TRP A 140 -12.32 -18.37 16.59
N GLY A 141 -13.32 -17.65 16.10
CA GLY A 141 -13.77 -17.79 14.73
C GLY A 141 -14.26 -16.46 14.25
N VAL A 142 -14.67 -16.39 12.99
CA VAL A 142 -15.12 -15.14 12.40
C VAL A 142 -16.53 -15.33 11.85
N ARG A 143 -17.44 -14.40 12.15
CA ARG A 143 -18.79 -14.52 11.61
C ARG A 143 -19.22 -13.23 10.94
N ALA A 144 -20.23 -13.34 10.07
CA ALA A 144 -20.79 -12.18 9.39
C ALA A 144 -21.70 -11.39 10.31
N LEU A 145 -21.68 -10.07 10.18
CA LEU A 145 -22.67 -9.22 10.87
C LEU A 145 -23.69 -8.67 9.87
N GLN A 146 -23.64 -9.17 8.64
CA GLN A 146 -24.53 -8.73 7.59
C GLN A 146 -24.78 -9.84 6.59
N THR A 147 -25.85 -9.69 5.82
CA THR A 147 -26.08 -10.52 4.66
C THR A 147 -24.98 -10.27 3.64
N ILE A 148 -24.38 -11.35 3.15
CA ILE A 148 -23.30 -11.24 2.18
C ILE A 148 -23.66 -12.06 0.96
N PRO A 149 -23.95 -11.41 -0.18
CA PRO A 149 -24.33 -12.19 -1.36
C PRO A 149 -23.20 -13.09 -1.85
N GLN A 150 -23.57 -14.16 -2.53
CA GLN A 150 -22.57 -15.01 -3.18
C GLN A 150 -21.62 -14.18 -4.04
N GLY A 151 -20.33 -14.52 -4.01
CA GLY A 151 -19.36 -13.93 -4.92
C GLY A 151 -18.73 -12.65 -4.39
N THR A 152 -19.00 -12.33 -3.14
CA THR A 152 -18.49 -11.10 -2.54
C THR A 152 -17.10 -11.27 -1.95
N PHE A 153 -16.20 -10.33 -2.23
CA PHE A 153 -14.90 -10.33 -1.56
C PHE A 153 -15.06 -10.13 -0.07
N ILE A 154 -14.45 -11.00 0.71
CA ILE A 154 -14.54 -10.93 2.16
C ILE A 154 -13.27 -10.31 2.80
N CYS A 155 -12.15 -10.98 2.61
CA CYS A 155 -10.88 -10.51 3.17
C CYS A 155 -9.75 -11.29 2.53
N GLU A 156 -8.53 -10.81 2.71
CA GLU A 156 -7.35 -11.46 2.16
C GLU A 156 -6.66 -12.29 3.25
N TYR A 157 -6.03 -13.41 2.90
CA TYR A 157 -5.23 -14.14 3.86
C TYR A 157 -3.89 -13.43 3.97
N VAL A 158 -3.72 -12.67 5.04
CA VAL A 158 -2.54 -11.82 5.23
C VAL A 158 -1.63 -12.38 6.32
N GLY A 159 -0.32 -12.30 6.07
CA GLY A 159 0.64 -12.71 7.07
C GLY A 159 2.05 -12.44 6.61
N GLU A 160 2.95 -13.26 7.13
CA GLU A 160 4.37 -13.16 6.84
C GLU A 160 4.73 -14.07 5.67
N LEU A 161 5.28 -13.50 4.61
CA LEU A 161 5.70 -14.29 3.44
C LEU A 161 7.00 -14.99 3.75
N ILE A 162 7.01 -16.33 3.64
CA ILE A 162 8.19 -17.11 3.95
C ILE A 162 8.41 -18.20 2.91
N SER A 163 9.62 -18.75 2.90
CA SER A 163 9.95 -19.84 1.99
C SER A 163 9.45 -21.17 2.52
N ASP A 164 9.44 -22.15 1.62
CA ASP A 164 9.21 -23.55 1.97
C ASP A 164 10.16 -24.01 3.07
N ALA A 165 11.43 -23.64 2.95
CA ALA A 165 12.44 -24.08 3.91
C ALA A 165 12.16 -23.51 5.29
N GLU A 166 11.79 -22.25 5.34
CA GLU A 166 11.44 -21.63 6.61
C GLU A 166 10.15 -22.20 7.19
N ALA A 167 9.15 -22.44 6.34
CA ALA A 167 7.88 -22.99 6.81
C ALA A 167 8.10 -24.36 7.46
N ASP A 168 9.02 -25.14 6.89
CA ASP A 168 9.31 -26.49 7.38
C ASP A 168 9.86 -26.51 8.81
N VAL A 169 10.55 -25.46 9.23
CA VAL A 169 11.12 -25.45 10.56
C VAL A 169 10.28 -24.66 11.57
N ARG A 170 9.18 -24.07 11.11
CA ARG A 170 8.26 -23.38 11.99
C ARG A 170 7.55 -24.41 12.88
N GLU A 171 7.51 -24.15 14.17
CA GLU A 171 6.94 -25.10 15.12
C GLU A 171 5.42 -25.23 14.96
N ASP A 172 4.77 -24.10 14.73
CA ASP A 172 3.31 -24.08 14.64
C ASP A 172 2.87 -23.89 13.20
N ASP A 173 2.11 -24.84 12.67
CA ASP A 173 1.60 -24.72 11.31
C ASP A 173 0.11 -24.37 11.27
N SER A 174 -0.46 -23.98 12.42
CA SER A 174 -1.89 -23.75 12.53
C SER A 174 -2.37 -22.50 11.80
N TYR A 175 -1.43 -21.66 11.35
CA TYR A 175 -1.76 -20.41 10.66
C TYR A 175 -0.97 -20.33 9.36
N LEU A 176 -0.57 -21.49 8.86
CA LEU A 176 0.31 -21.56 7.70
C LEU A 176 -0.49 -21.88 6.45
N PHE A 177 -0.19 -21.18 5.36
CA PHE A 177 -0.96 -21.34 4.13
C PHE A 177 0.02 -21.45 2.97
N ASP A 178 0.06 -22.58 2.26
CA ASP A 178 0.99 -22.59 1.14
C ASP A 178 0.30 -22.14 -0.14
N LEU A 179 1.07 -21.55 -1.04
CA LEU A 179 0.48 -20.75 -2.11
C LEU A 179 0.25 -21.51 -3.41
N ASP A 180 0.62 -22.77 -3.43
CA ASP A 180 0.38 -23.63 -4.59
C ASP A 180 0.28 -25.07 -4.13
N ASN A 181 -0.37 -25.91 -4.93
CA ASN A 181 -0.55 -27.32 -4.59
C ASN A 181 0.59 -28.21 -5.08
N LYS A 182 1.45 -27.67 -5.94
CA LYS A 182 2.49 -28.47 -6.59
C LYS A 182 3.54 -29.00 -5.63
N ASP A 183 4.45 -29.81 -6.16
CA ASP A 183 5.47 -30.50 -5.36
C ASP A 183 6.75 -29.69 -5.15
N GLY A 184 7.04 -28.78 -6.07
CA GLY A 184 8.29 -28.04 -6.05
C GLY A 184 8.43 -27.05 -4.91
N GLU A 185 9.23 -26.00 -5.14
CA GLU A 185 9.41 -24.94 -4.17
C GLU A 185 8.15 -24.09 -4.10
N VAL A 186 7.48 -24.15 -2.97
CA VAL A 186 6.25 -23.39 -2.80
C VAL A 186 6.39 -22.44 -1.63
N TYR A 187 6.12 -21.16 -1.87
CA TYR A 187 6.17 -20.18 -0.80
C TYR A 187 4.91 -20.23 0.04
N CYS A 188 5.00 -19.67 1.24
CA CYS A 188 3.90 -19.71 2.20
C CYS A 188 3.60 -18.36 2.81
N ILE A 189 2.39 -18.24 3.36
CA ILE A 189 2.03 -17.12 4.20
C ILE A 189 1.83 -17.69 5.60
N ASP A 190 2.62 -17.24 6.55
CA ASP A 190 2.47 -17.69 7.94
C ASP A 190 1.82 -16.57 8.73
N ALA A 191 0.63 -16.80 9.26
CA ALA A 191 -0.09 -15.77 10.01
C ALA A 191 0.08 -15.95 11.51
N ARG A 192 1.01 -16.80 11.93
CA ARG A 192 1.20 -17.07 13.35
C ARG A 192 1.62 -15.82 14.14
N TYR A 193 2.63 -15.12 13.65
CA TYR A 193 3.20 -14.00 14.41
C TYR A 193 2.62 -12.67 13.93
N TYR A 194 2.39 -12.60 12.63
CA TYR A 194 1.81 -11.42 11.98
C TYR A 194 0.67 -11.87 11.09
N GLY A 195 -0.53 -11.33 11.27
CA GLY A 195 -1.65 -11.74 10.46
C GLY A 195 -2.83 -10.79 10.56
N ASN A 196 -3.83 -10.99 9.71
CA ASN A 196 -5.04 -10.19 9.80
C ASN A 196 -6.21 -11.06 10.26
N ILE A 197 -7.43 -10.57 10.07
CA ILE A 197 -8.61 -11.30 10.54
C ILE A 197 -8.72 -12.74 9.99
N SER A 198 -8.11 -13.00 8.84
CA SER A 198 -8.22 -14.33 8.22
C SER A 198 -7.60 -15.45 9.03
N ARG A 199 -6.67 -15.11 9.92
CA ARG A 199 -5.97 -16.12 10.70
C ARG A 199 -6.94 -16.82 11.65
N PHE A 200 -8.08 -16.18 11.86
CA PHE A 200 -9.09 -16.70 12.78
C PHE A 200 -10.23 -17.44 12.11
N ILE A 201 -10.22 -17.51 10.78
CA ILE A 201 -11.29 -18.20 10.06
C ILE A 201 -11.07 -19.71 10.15
N ASN A 202 -12.07 -20.42 10.68
CA ASN A 202 -11.93 -21.85 10.88
C ASN A 202 -12.23 -22.68 9.64
N HIS A 203 -11.94 -23.97 9.73
CA HIS A 203 -12.30 -24.94 8.71
C HIS A 203 -13.76 -25.33 8.83
N LEU A 204 -14.47 -25.32 7.72
CA LEU A 204 -15.81 -25.90 7.66
C LEU A 204 -15.90 -26.94 6.54
N CYS A 205 -16.53 -28.06 6.84
CA CYS A 205 -16.72 -29.12 5.84
C CYS A 205 -17.85 -28.75 4.87
N ASP A 206 -18.71 -27.84 5.31
CA ASP A 206 -19.66 -27.20 4.40
C ASP A 206 -19.31 -25.71 4.29
N PRO A 207 -18.24 -25.39 3.56
CA PRO A 207 -17.71 -24.03 3.59
C PRO A 207 -18.57 -23.01 2.87
N ASN A 208 -18.43 -21.74 3.24
CA ASN A 208 -19.15 -20.68 2.56
C ASN A 208 -18.23 -19.62 1.94
N ILE A 209 -16.91 -19.82 2.04
CA ILE A 209 -15.98 -18.95 1.31
C ILE A 209 -14.92 -19.82 0.64
N ILE A 210 -14.30 -19.28 -0.40
CA ILE A 210 -13.25 -19.98 -1.13
C ILE A 210 -12.04 -19.05 -1.30
N PRO A 211 -10.83 -19.62 -1.24
CA PRO A 211 -9.61 -18.86 -1.57
C PRO A 211 -9.41 -18.79 -3.08
N VAL A 212 -9.05 -17.59 -3.53
CA VAL A 212 -8.75 -17.33 -4.94
C VAL A 212 -7.38 -16.66 -4.99
N ARG A 213 -6.54 -17.10 -5.92
CA ARG A 213 -5.22 -16.51 -6.07
C ARG A 213 -5.27 -15.30 -6.98
N VAL A 214 -4.69 -14.20 -6.52
CA VAL A 214 -4.85 -12.91 -7.19
C VAL A 214 -3.53 -12.18 -7.31
N PHE A 215 -3.34 -11.48 -8.41
CA PHE A 215 -2.21 -10.58 -8.59
C PHE A 215 -2.67 -9.15 -8.76
N MET A 216 -1.94 -8.24 -8.12
CA MET A 216 -2.30 -6.83 -8.11
C MET A 216 -1.09 -5.97 -8.48
N LEU A 217 -0.32 -5.51 -7.51
CA LEU A 217 0.76 -4.56 -7.78
C LEU A 217 2.06 -5.18 -8.31
N HIS A 218 2.15 -6.51 -8.26
CA HIS A 218 3.24 -7.24 -8.90
C HIS A 218 2.64 -8.48 -9.57
N GLN A 219 3.39 -9.08 -10.48
CA GLN A 219 2.97 -10.33 -11.10
C GLN A 219 4.08 -11.36 -10.97
N ASP A 220 4.67 -11.39 -9.79
CA ASP A 220 5.64 -12.41 -9.42
C ASP A 220 4.84 -13.65 -9.06
N LEU A 221 4.83 -14.63 -9.98
CA LEU A 221 3.90 -15.75 -9.87
C LEU A 221 4.23 -16.67 -8.70
N ARG A 222 5.41 -16.49 -8.10
CA ARG A 222 5.73 -17.19 -6.86
C ARG A 222 4.85 -16.75 -5.70
N PHE A 223 4.30 -15.54 -5.80
CA PHE A 223 3.61 -14.93 -4.66
C PHE A 223 2.21 -14.45 -5.02
N PRO A 224 1.31 -15.37 -5.37
CA PRO A 224 -0.09 -14.98 -5.45
C PRO A 224 -0.57 -14.48 -4.10
N ARG A 225 -1.55 -13.58 -4.09
CA ARG A 225 -2.19 -13.16 -2.85
C ARG A 225 -3.49 -13.93 -2.75
N ILE A 226 -3.91 -14.23 -1.53
CA ILE A 226 -5.04 -15.13 -1.32
C ILE A 226 -6.25 -14.34 -0.92
N ALA A 227 -7.24 -14.30 -1.80
CA ALA A 227 -8.47 -13.56 -1.55
C ALA A 227 -9.63 -14.51 -1.27
N PHE A 228 -10.35 -14.28 -0.19
CA PHE A 228 -11.54 -15.10 0.10
C PHE A 228 -12.78 -14.42 -0.46
N PHE A 229 -13.56 -15.17 -1.23
CA PHE A 229 -14.86 -14.73 -1.74
C PHE A 229 -15.93 -15.69 -1.24
N SER A 230 -17.13 -15.17 -0.99
CA SER A 230 -18.23 -16.04 -0.60
C SER A 230 -18.64 -16.95 -1.75
N SER A 231 -18.94 -18.21 -1.43
CA SER A 231 -19.29 -19.19 -2.44
C SER A 231 -20.79 -19.42 -2.46
N ARG A 232 -21.48 -18.75 -1.54
CA ARG A 232 -22.94 -18.78 -1.49
C ARG A 232 -23.40 -17.58 -0.68
N ASP A 233 -24.70 -17.30 -0.69
CA ASP A 233 -25.24 -16.25 0.18
C ASP A 233 -24.93 -16.61 1.64
N ILE A 234 -24.44 -15.63 2.39
CA ILE A 234 -24.11 -15.84 3.80
C ILE A 234 -25.04 -14.96 4.63
N ARG A 235 -25.57 -15.51 5.71
CA ARG A 235 -26.54 -14.80 6.55
C ARG A 235 -25.88 -14.18 7.77
N THR A 236 -26.47 -13.11 8.27
CA THR A 236 -26.01 -12.49 9.51
C THR A 236 -25.87 -13.51 10.64
N GLY A 237 -24.70 -13.53 11.28
CA GLY A 237 -24.47 -14.45 12.39
C GLY A 237 -23.81 -15.75 12.00
N GLU A 238 -23.74 -16.00 10.69
CA GLU A 238 -23.16 -17.25 10.19
C GLU A 238 -21.64 -17.23 10.30
N GLU A 239 -21.06 -18.29 10.84
CA GLU A 239 -19.59 -18.39 10.87
C GLU A 239 -19.02 -18.55 9.46
N LEU A 240 -17.96 -17.80 9.18
CA LEU A 240 -17.21 -17.98 7.95
C LEU A 240 -16.30 -19.18 8.04
N GLY A 241 -16.15 -19.90 6.95
CA GLY A 241 -15.17 -20.96 6.92
C GLY A 241 -14.88 -21.43 5.52
N PHE A 242 -13.65 -21.92 5.33
CA PHE A 242 -13.27 -22.54 4.07
C PHE A 242 -12.74 -23.93 4.31
N ASP A 243 -12.58 -24.68 3.22
CA ASP A 243 -12.00 -26.00 3.30
C ASP A 243 -10.48 -25.87 3.43
N TYR A 244 -9.96 -26.19 4.61
CA TYR A 244 -8.52 -26.15 4.86
C TYR A 244 -7.77 -27.13 3.97
N GLY A 245 -8.45 -28.19 3.55
CA GLY A 245 -7.86 -29.20 2.69
C GLY A 245 -7.51 -30.47 3.43
N ASP A 246 -7.48 -31.57 2.69
CA ASP A 246 -7.14 -32.86 3.27
C ASP A 246 -5.73 -32.90 3.87
N ARG A 247 -4.79 -32.20 3.25
CA ARG A 247 -3.41 -32.20 3.74
C ARG A 247 -3.34 -31.69 5.19
N PHE A 248 -4.07 -30.60 5.47
CA PHE A 248 -4.13 -30.05 6.81
C PHE A 248 -4.63 -31.11 7.79
N TRP A 249 -5.70 -31.79 7.42
CA TRP A 249 -6.31 -32.75 8.34
C TRP A 249 -5.49 -34.02 8.49
N ASP A 250 -4.77 -34.41 7.44
CA ASP A 250 -3.85 -35.54 7.54
C ASP A 250 -2.79 -35.30 8.61
N ILE A 251 -2.36 -34.05 8.74
CA ILE A 251 -1.39 -33.65 9.75
C ILE A 251 -2.03 -33.57 11.13
N LYS A 252 -3.18 -32.91 11.21
CA LYS A 252 -3.76 -32.51 12.49
C LYS A 252 -4.63 -33.55 13.19
N SER A 253 -5.15 -34.52 12.46
CA SER A 253 -6.22 -35.37 12.98
C SER A 253 -5.76 -36.30 14.10
N LYS A 254 -4.45 -36.38 14.31
CA LYS A 254 -3.94 -37.16 15.43
C LYS A 254 -3.87 -36.31 16.68
N TYR A 255 -4.18 -35.02 16.55
CA TYR A 255 -4.16 -34.10 17.69
C TYR A 255 -5.56 -33.64 18.04
N PHE A 256 -6.36 -33.36 17.01
CA PHE A 256 -7.76 -33.00 17.21
C PHE A 256 -8.54 -33.34 15.95
N THR A 257 -9.85 -33.42 16.09
CA THR A 257 -10.69 -33.74 14.96
C THR A 257 -11.64 -32.58 14.70
N CYS A 258 -12.35 -32.64 13.58
CA CYS A 258 -13.19 -31.53 13.15
C CYS A 258 -14.43 -31.39 14.02
N GLN A 259 -14.72 -30.16 14.42
CA GLN A 259 -15.86 -29.88 15.27
C GLN A 259 -16.92 -29.08 14.53
N CYS A 260 -16.89 -29.10 13.19
CA CYS A 260 -17.78 -28.21 12.43
C CYS A 260 -19.25 -28.60 12.56
N GLY A 261 -19.53 -29.86 12.88
CA GLY A 261 -20.88 -30.28 13.22
C GLY A 261 -21.79 -30.51 12.03
N SER A 262 -21.24 -30.39 10.83
CA SER A 262 -22.01 -30.60 9.61
C SER A 262 -22.42 -32.06 9.46
N GLU A 263 -23.58 -32.28 8.87
CA GLU A 263 -24.01 -33.64 8.53
C GLU A 263 -23.08 -34.22 7.46
N LYS A 264 -22.39 -33.31 6.77
CA LYS A 264 -21.49 -33.66 5.68
C LYS A 264 -20.03 -33.70 6.12
N CYS A 265 -19.79 -33.63 7.43
CA CYS A 265 -18.42 -33.50 7.96
C CYS A 265 -17.52 -34.66 7.54
N LYS A 266 -16.34 -34.32 7.04
CA LYS A 266 -15.40 -35.30 6.48
C LYS A 266 -14.26 -35.64 7.42
N HIS A 267 -14.15 -34.90 8.51
CA HIS A 267 -12.95 -34.97 9.33
C HIS A 267 -13.23 -35.09 10.82
N SER A 268 -14.48 -35.40 11.19
CA SER A 268 -14.82 -35.63 12.57
C SER A 268 -14.24 -36.95 13.04
N ALA A 269 -14.21 -37.15 14.35
CA ALA A 269 -13.79 -38.44 14.90
C ALA A 269 -14.62 -39.56 14.29
N GLU A 270 -15.92 -39.32 14.17
CA GLU A 270 -16.84 -40.30 13.61
C GLU A 270 -16.49 -40.63 12.17
N ALA A 271 -16.30 -39.61 11.34
CA ALA A 271 -15.98 -39.83 9.94
C ALA A 271 -14.65 -40.60 9.79
N ILE A 272 -13.67 -40.23 10.60
CA ILE A 272 -12.36 -40.86 10.55
C ILE A 272 -12.43 -42.32 11.00
N ALA A 273 -13.21 -42.55 12.04
CA ALA A 273 -13.37 -43.91 12.56
C ALA A 273 -14.10 -44.81 11.57
N LEU A 274 -15.10 -44.26 10.88
CA LEU A 274 -15.85 -45.06 9.90
C LEU A 274 -14.95 -45.43 8.74
N GLU A 275 -14.04 -44.51 8.41
CA GLU A 275 -13.07 -44.75 7.34
C GLU A 275 -12.14 -45.90 7.72
N GLN A 276 -11.58 -45.83 8.92
CA GLN A 276 -10.60 -46.81 9.35
C GLN A 276 -11.23 -48.18 9.55
N SER A 277 -12.46 -48.22 10.03
CA SER A 277 -13.14 -49.49 10.26
C SER A 277 -13.56 -50.13 8.95
N ARG A 278 -13.76 -49.30 7.92
CA ARG A 278 -13.99 -49.79 6.58
C ARG A 278 -12.80 -50.63 6.12
N LEU A 279 -11.60 -50.22 6.54
CA LEU A 279 -10.37 -50.91 6.18
C LEU A 279 -9.94 -51.97 7.19
N ALA A 280 -10.50 -51.92 8.39
CA ALA A 280 -10.07 -52.80 9.48
C ALA A 280 -10.57 -54.23 9.31
N ARG A 281 -11.46 -54.44 8.35
CA ARG A 281 -12.09 -55.75 8.16
C ARG A 281 -11.33 -56.64 7.17
N CYS B 13 -7.73 18.07 -19.16
CA CYS B 13 -7.72 16.85 -18.36
C CYS B 13 -8.23 17.15 -16.95
N ARG B 14 -9.23 16.39 -16.51
CA ARG B 14 -9.79 16.62 -15.18
C ARG B 14 -8.94 15.99 -14.07
N ASP B 15 -8.12 15.00 -14.42
CA ASP B 15 -7.26 14.38 -13.42
C ASP B 15 -6.10 13.61 -14.04
N VAL B 16 -4.92 14.21 -13.99
CA VAL B 16 -3.72 13.57 -14.55
C VAL B 16 -3.33 12.32 -13.75
N ALA B 17 -3.84 12.21 -12.52
CA ALA B 17 -3.52 11.07 -11.67
C ALA B 17 -4.48 9.89 -11.85
N ARG B 18 -5.46 10.03 -12.75
CA ARG B 18 -6.39 8.95 -13.08
C ARG B 18 -7.06 8.33 -11.85
N GLY B 19 -7.36 9.15 -10.85
CA GLY B 19 -8.07 8.66 -9.67
C GLY B 19 -7.21 8.01 -8.61
N TYR B 20 -5.90 8.03 -8.78
CA TYR B 20 -5.01 7.38 -7.84
C TYR B 20 -4.75 8.19 -6.57
N GLU B 21 -5.01 9.49 -6.60
CA GLU B 21 -4.80 10.31 -5.40
C GLU B 21 -6.13 10.49 -4.66
N ASN B 22 -6.08 11.05 -3.45
CA ASN B 22 -7.31 11.31 -2.69
C ASN B 22 -8.23 12.32 -3.40
N VAL B 23 -7.59 13.18 -4.19
CA VAL B 23 -8.28 14.28 -4.88
C VAL B 23 -7.77 14.32 -6.32
N PRO B 24 -8.57 14.91 -7.23
CA PRO B 24 -8.11 15.04 -8.62
C PRO B 24 -7.02 16.09 -8.76
N ILE B 25 -6.19 15.93 -9.78
CA ILE B 25 -5.21 16.93 -10.14
C ILE B 25 -5.43 17.31 -11.61
N PRO B 26 -6.26 18.33 -11.86
CA PRO B 26 -6.56 18.70 -13.24
C PRO B 26 -5.40 19.43 -13.91
N CYS B 27 -5.45 19.50 -15.24
CA CYS B 27 -4.44 20.17 -16.03
C CYS B 27 -5.09 21.18 -16.94
N VAL B 28 -4.54 22.40 -16.99
CA VAL B 28 -5.00 23.41 -17.94
C VAL B 28 -3.84 24.08 -18.65
N ASN B 29 -4.13 24.69 -19.79
CA ASN B 29 -3.13 25.44 -20.54
C ASN B 29 -3.76 26.69 -21.11
N GLY B 30 -3.44 27.84 -20.51
CA GLY B 30 -3.93 29.11 -20.99
C GLY B 30 -2.86 29.94 -21.68
N VAL B 31 -1.72 29.32 -21.99
CA VAL B 31 -0.59 30.05 -22.57
C VAL B 31 -0.35 29.71 -24.05
N ASP B 32 -0.31 28.43 -24.37
CA ASP B 32 -0.12 28.01 -25.76
C ASP B 32 -0.95 26.77 -26.12
N GLY B 33 -0.63 26.15 -27.24
CA GLY B 33 -1.44 25.05 -27.76
C GLY B 33 -0.95 23.67 -27.36
N GLU B 34 0.03 23.62 -26.46
CA GLU B 34 0.60 22.36 -26.04
C GLU B 34 -0.41 21.53 -25.25
N PRO B 35 -0.65 20.28 -25.70
CA PRO B 35 -1.52 19.38 -24.94
C PRO B 35 -0.94 19.08 -23.57
N CYS B 36 -1.78 18.78 -22.60
CA CYS B 36 -1.30 18.33 -21.30
C CYS B 36 -0.36 17.16 -21.51
N PRO B 37 0.77 17.15 -20.77
CA PRO B 37 1.89 16.25 -21.07
C PRO B 37 1.56 14.77 -20.97
N GLU B 38 2.05 13.98 -21.93
CA GLU B 38 1.79 12.55 -21.91
C GLU B 38 3.06 11.73 -22.13
N ASP B 39 4.22 12.39 -22.06
CA ASP B 39 5.49 11.73 -22.31
C ASP B 39 6.09 11.19 -21.01
N TYR B 40 5.22 10.69 -20.14
CA TYR B 40 5.62 10.04 -18.90
C TYR B 40 4.45 9.20 -18.42
N LYS B 41 4.69 8.33 -17.44
CA LYS B 41 3.63 7.53 -16.86
C LYS B 41 3.34 8.03 -15.45
N TYR B 42 2.11 8.46 -15.18
CA TYR B 42 1.77 8.91 -13.83
C TYR B 42 1.66 7.71 -12.90
N ILE B 43 2.45 7.74 -11.83
CA ILE B 43 2.33 6.78 -10.73
C ILE B 43 2.16 7.53 -9.40
N SER B 44 1.34 7.00 -8.50
CA SER B 44 1.10 7.67 -7.23
C SER B 44 2.09 7.25 -6.12
N GLU B 45 2.78 6.13 -6.32
CA GLU B 45 3.78 5.64 -5.36
C GLU B 45 5.05 5.24 -6.10
N ASN B 46 6.19 5.32 -5.40
CA ASN B 46 7.46 5.01 -6.04
C ASN B 46 7.48 3.63 -6.69
N CYS B 47 8.21 3.53 -7.78
CA CYS B 47 8.37 2.25 -8.47
C CYS B 47 9.82 1.90 -8.60
N GLU B 48 10.09 0.69 -9.08
CA GLU B 48 11.45 0.35 -9.47
C GLU B 48 11.42 -0.42 -10.80
N THR B 49 12.53 -0.41 -11.52
CA THR B 49 12.66 -1.18 -12.77
C THR B 49 13.80 -2.19 -12.74
N SER B 50 14.68 -2.05 -11.77
CA SER B 50 15.64 -3.08 -11.45
C SER B 50 15.57 -3.22 -9.96
N THR B 51 15.95 -4.39 -9.45
CA THR B 51 15.77 -4.69 -8.05
C THR B 51 16.41 -3.65 -7.15
N MET B 52 15.60 -3.09 -6.27
CA MET B 52 16.07 -2.27 -5.18
C MET B 52 15.90 -3.10 -3.91
N ASN B 53 17.02 -3.46 -3.30
CA ASN B 53 17.01 -4.34 -2.15
C ASN B 53 16.70 -3.57 -0.87
N ILE B 54 15.52 -2.97 -0.83
CA ILE B 54 15.12 -2.21 0.35
C ILE B 54 14.88 -3.15 1.52
N ASP B 55 15.41 -2.79 2.68
CA ASP B 55 15.19 -3.61 3.87
C ASP B 55 13.78 -3.39 4.38
N ARG B 56 12.89 -4.37 4.15
CA ARG B 56 11.50 -4.25 4.55
C ARG B 56 11.16 -5.16 5.72
N ASN B 57 12.18 -5.76 6.34
CA ASN B 57 12.00 -6.69 7.46
C ASN B 57 11.21 -6.04 8.58
N ILE B 58 10.00 -6.54 8.84
CA ILE B 58 9.12 -5.88 9.80
C ILE B 58 9.73 -5.91 11.22
N THR B 59 10.57 -6.91 11.49
CA THR B 59 11.22 -6.98 12.80
C THR B 59 12.30 -5.91 12.95
N HIS B 60 12.73 -5.31 11.84
CA HIS B 60 13.74 -4.25 11.90
C HIS B 60 13.13 -2.87 12.13
N LEU B 61 11.81 -2.81 12.14
CA LEU B 61 11.14 -1.53 12.34
C LEU B 61 11.19 -1.13 13.80
N GLN B 62 11.71 0.06 14.06
CA GLN B 62 11.51 0.66 15.37
C GLN B 62 10.08 1.17 15.39
N HIS B 63 9.42 1.04 16.52
CA HIS B 63 8.00 1.31 16.58
C HIS B 63 7.62 1.73 17.99
N CYS B 64 6.46 2.36 18.13
CA CYS B 64 6.08 2.85 19.45
C CYS B 64 5.08 1.94 20.15
N THR B 65 4.88 2.22 21.44
CA THR B 65 3.98 1.43 22.26
C THR B 65 2.76 2.25 22.71
N CYS B 66 2.55 3.38 22.05
CA CYS B 66 1.42 4.27 22.37
C CYS B 66 0.06 3.63 22.17
N VAL B 67 -0.89 4.06 22.99
CA VAL B 67 -2.30 3.77 22.77
C VAL B 67 -3.08 5.09 22.77
N ASP B 68 -2.37 6.21 22.82
CA ASP B 68 -3.01 7.51 22.62
C ASP B 68 -2.94 7.85 21.14
N ASP B 69 -2.97 9.14 20.80
CA ASP B 69 -2.96 9.52 19.39
C ASP B 69 -1.53 9.83 18.93
N CYS B 70 -0.55 9.39 19.70
CA CYS B 70 0.87 9.64 19.44
C CYS B 70 1.22 11.13 19.37
N SER B 71 0.69 11.90 20.33
CA SER B 71 1.07 13.30 20.46
C SER B 71 1.93 13.47 21.71
N SER B 72 2.01 12.39 22.49
CA SER B 72 2.86 12.32 23.66
C SER B 72 4.33 12.35 23.30
N SER B 73 5.16 12.94 24.16
CA SER B 73 6.60 12.97 23.93
C SER B 73 7.24 11.61 24.21
N ASN B 74 6.46 10.68 24.77
CA ASN B 74 6.95 9.33 25.02
C ASN B 74 6.90 8.44 23.78
N CYS B 75 6.28 8.92 22.71
CA CYS B 75 6.21 8.17 21.46
C CYS B 75 7.60 7.97 20.86
N LEU B 76 8.05 6.72 20.77
CA LEU B 76 9.40 6.44 20.24
C LEU B 76 9.60 7.00 18.84
N CYS B 77 8.56 6.93 18.02
CA CYS B 77 8.64 7.38 16.64
C CYS B 77 8.86 8.89 16.60
N GLY B 78 8.20 9.58 17.52
CA GLY B 78 8.45 11.00 17.70
C GLY B 78 9.88 11.25 18.11
N GLN B 79 10.38 10.47 19.07
CA GLN B 79 11.77 10.60 19.53
C GLN B 79 12.77 10.35 18.39
N LEU B 80 12.50 9.35 17.56
CA LEU B 80 13.34 9.08 16.38
C LEU B 80 13.35 10.27 15.42
N SER B 81 12.26 11.04 15.42
CA SER B 81 12.11 12.23 14.58
C SER B 81 12.71 13.49 15.22
N ILE B 82 13.42 13.30 16.34
CA ILE B 82 13.79 14.33 17.32
C ILE B 82 12.59 14.63 18.22
N ARG B 83 11.50 15.07 17.62
CA ARG B 83 10.19 15.10 18.26
C ARG B 83 9.14 14.95 17.16
N CYS B 84 7.90 14.60 17.49
CA CYS B 84 6.88 14.64 16.47
C CYS B 84 6.67 16.10 16.07
N TRP B 85 6.77 16.38 14.78
CA TRP B 85 6.70 17.75 14.30
C TRP B 85 5.32 18.13 13.80
N TYR B 86 4.36 17.23 13.96
CA TYR B 86 3.02 17.47 13.46
C TYR B 86 2.10 18.03 14.56
N ASP B 87 1.36 19.07 14.26
CA ASP B 87 0.34 19.53 15.22
C ASP B 87 -0.94 18.69 15.05
N LYS B 88 -2.00 19.06 15.77
CA LYS B 88 -3.23 18.26 15.76
C LYS B 88 -3.89 18.21 14.39
N ASP B 89 -3.55 19.16 13.52
CA ASP B 89 -4.16 19.24 12.20
C ASP B 89 -3.24 18.70 11.11
N GLY B 90 -2.11 18.11 11.51
CA GLY B 90 -1.20 17.49 10.57
C GLY B 90 -0.16 18.43 9.98
N ARG B 91 -0.02 19.62 10.55
CA ARG B 91 0.91 20.60 10.00
C ARG B 91 2.18 20.71 10.85
N LEU B 92 3.30 20.97 10.18
CA LEU B 92 4.59 21.13 10.88
C LEU B 92 4.52 22.25 11.90
N LEU B 93 5.08 21.98 13.08
CA LEU B 93 5.23 22.99 14.11
C LEU B 93 6.12 24.14 13.63
N GLN B 94 5.91 25.33 14.18
CA GLN B 94 6.70 26.50 13.82
C GLN B 94 8.17 26.24 14.11
N GLU B 95 8.43 25.41 15.10
CA GLU B 95 9.79 25.13 15.56
C GLU B 95 10.55 24.21 14.59
N PHE B 96 9.85 23.69 13.59
CA PHE B 96 10.45 22.80 12.59
C PHE B 96 11.54 23.54 11.82
N ASN B 97 12.69 22.90 11.68
CA ASN B 97 13.81 23.48 10.96
C ASN B 97 13.56 23.46 9.46
N LYS B 98 13.13 24.57 8.90
CA LYS B 98 12.78 24.59 7.48
C LYS B 98 14.01 24.78 6.59
N ILE B 99 15.13 25.17 7.20
CA ILE B 99 16.36 25.40 6.44
C ILE B 99 17.08 24.08 6.17
N GLU B 100 17.15 23.25 7.20
CA GLU B 100 17.79 21.95 7.13
C GLU B 100 16.88 20.95 7.83
N PRO B 101 15.84 20.47 7.13
CA PRO B 101 14.87 19.63 7.82
C PRO B 101 15.46 18.33 8.36
N PRO B 102 14.92 17.87 9.51
CA PRO B 102 15.28 16.57 10.09
C PRO B 102 14.65 15.41 9.32
N LEU B 103 14.95 14.19 9.75
CA LEU B 103 14.28 12.99 9.29
C LEU B 103 13.00 12.80 10.07
N ILE B 104 11.90 12.56 9.37
CA ILE B 104 10.65 12.25 10.04
C ILE B 104 10.41 10.74 10.00
N PHE B 105 10.19 10.15 11.17
CA PHE B 105 9.78 8.76 11.28
C PHE B 105 8.31 8.70 11.65
N GLU B 106 7.48 8.38 10.68
CA GLU B 106 6.06 8.23 10.92
C GLU B 106 5.80 6.88 11.54
N CYS B 107 4.63 6.74 12.15
CA CYS B 107 4.27 5.44 12.69
C CYS B 107 4.05 4.44 11.57
N ASN B 108 4.13 3.17 11.93
CA ASN B 108 4.15 2.11 10.94
C ASN B 108 3.36 0.90 11.38
N GLN B 109 3.43 -0.18 10.60
CA GLN B 109 2.64 -1.36 10.84
C GLN B 109 3.10 -2.16 12.07
N ALA B 110 4.27 -1.84 12.61
CA ALA B 110 4.74 -2.46 13.84
C ALA B 110 4.28 -1.73 15.11
N CYS B 111 3.93 -0.44 14.98
CA CYS B 111 3.48 0.34 16.14
C CYS B 111 2.18 -0.21 16.72
N SER B 112 1.95 0.05 18.00
CA SER B 112 0.75 -0.44 18.66
C SER B 112 -0.40 0.57 18.56
N CYS B 113 -0.12 1.76 18.02
CA CYS B 113 -1.14 2.79 17.93
C CYS B 113 -2.16 2.46 16.85
N TRP B 114 -3.24 3.22 16.80
CA TRP B 114 -4.23 3.08 15.73
C TRP B 114 -3.79 3.78 14.46
N ARG B 115 -4.39 3.40 13.34
CA ARG B 115 -4.03 3.93 12.04
C ARG B 115 -4.32 5.43 11.94
N ASN B 116 -5.20 5.94 12.79
CA ASN B 116 -5.54 7.36 12.71
C ASN B 116 -4.79 8.23 13.74
N CYS B 117 -3.62 7.77 14.19
CA CYS B 117 -2.81 8.55 15.12
C CYS B 117 -2.27 9.80 14.42
N LYS B 118 -1.69 10.71 15.22
CA LYS B 118 -1.28 12.02 14.71
C LYS B 118 0.05 12.00 13.97
N ASN B 119 0.66 10.83 13.86
CA ASN B 119 2.00 10.74 13.25
C ASN B 119 2.00 9.94 11.96
N ARG B 120 1.03 10.22 11.08
CA ARG B 120 0.88 9.49 9.82
C ARG B 120 0.44 10.39 8.67
N VAL B 121 0.95 11.62 8.67
CA VAL B 121 0.50 12.62 7.73
C VAL B 121 0.85 12.27 6.28
N VAL B 122 2.11 11.99 6.02
CA VAL B 122 2.56 11.74 4.64
C VAL B 122 1.95 10.46 4.10
N GLN B 123 1.84 9.42 4.94
CA GLN B 123 1.29 8.17 4.47
C GLN B 123 -0.21 8.26 4.18
N SER B 124 -0.86 9.36 4.59
CA SER B 124 -2.29 9.55 4.33
C SER B 124 -2.58 10.25 2.99
N GLY B 125 -1.53 10.74 2.32
CA GLY B 125 -1.68 11.18 0.95
C GLY B 125 -2.08 12.64 0.75
N ILE B 126 -2.32 12.99 -0.50
CA ILE B 126 -2.61 14.37 -0.89
C ILE B 126 -4.00 14.81 -0.41
N LYS B 127 -4.06 15.97 0.21
CA LYS B 127 -5.32 16.53 0.68
C LYS B 127 -5.64 17.87 0.03
N VAL B 128 -4.61 18.60 -0.42
CA VAL B 128 -4.86 19.93 -0.99
C VAL B 128 -5.19 19.85 -2.48
N ARG B 129 -5.91 20.86 -2.97
CA ARG B 129 -6.25 20.93 -4.39
C ARG B 129 -5.14 21.63 -5.18
N LEU B 130 -4.53 20.87 -6.09
CA LEU B 130 -3.45 21.34 -6.95
C LEU B 130 -3.88 21.35 -8.41
N GLN B 131 -3.13 22.08 -9.23
CA GLN B 131 -3.38 22.09 -10.66
C GLN B 131 -2.07 22.11 -11.45
N LEU B 132 -2.01 21.25 -12.45
CA LEU B 132 -0.93 21.28 -13.43
C LEU B 132 -1.29 22.35 -14.47
N TYR B 133 -0.38 23.28 -14.73
CA TYR B 133 -0.71 24.37 -15.64
C TYR B 133 0.50 24.82 -16.46
N ARG B 134 0.22 25.52 -17.54
CA ARG B 134 1.28 26.01 -18.41
C ARG B 134 1.75 27.39 -17.92
N THR B 135 3.03 27.49 -17.55
CA THR B 135 3.59 28.77 -17.12
C THR B 135 4.05 29.57 -18.33
N ALA B 136 4.41 30.83 -18.09
CA ALA B 136 4.81 31.71 -19.17
C ALA B 136 6.21 31.42 -19.67
N LYS B 137 7.11 31.01 -18.78
CA LYS B 137 8.52 30.91 -19.14
C LYS B 137 9.19 29.62 -18.67
N MET B 138 8.51 28.84 -17.84
CA MET B 138 9.13 27.67 -17.23
C MET B 138 8.43 26.36 -17.57
N GLY B 139 7.84 26.27 -18.76
CA GLY B 139 7.16 25.06 -19.15
C GLY B 139 5.93 24.81 -18.30
N TRP B 140 5.69 23.55 -17.96
CA TRP B 140 4.61 23.22 -17.04
C TRP B 140 5.02 23.49 -15.61
N GLY B 141 4.04 23.82 -14.78
CA GLY B 141 4.27 24.03 -13.37
C GLY B 141 3.08 23.54 -12.56
N VAL B 142 3.17 23.64 -11.24
CA VAL B 142 2.07 23.27 -10.37
C VAL B 142 1.65 24.44 -9.51
N ARG B 143 0.35 24.70 -9.43
CA ARG B 143 -0.11 25.80 -8.59
C ARG B 143 -1.23 25.34 -7.66
N ALA B 144 -1.41 26.10 -6.59
CA ALA B 144 -2.46 25.82 -5.61
C ALA B 144 -3.84 26.26 -6.12
N LEU B 145 -4.87 25.46 -5.84
CA LEU B 145 -6.25 25.85 -6.15
C LEU B 145 -7.00 26.17 -4.87
N GLN B 146 -6.25 26.45 -3.80
CA GLN B 146 -6.81 26.76 -2.50
C GLN B 146 -5.78 27.49 -1.66
N THR B 147 -6.21 28.11 -0.56
CA THR B 147 -5.26 28.61 0.41
C THR B 147 -4.65 27.41 1.14
N ILE B 148 -3.33 27.44 1.32
CA ILE B 148 -2.62 26.36 1.99
C ILE B 148 -1.83 26.93 3.15
N PRO B 149 -2.23 26.60 4.38
CA PRO B 149 -1.49 27.18 5.50
C PRO B 149 -0.05 26.65 5.57
N GLN B 150 0.84 27.46 6.14
CA GLN B 150 2.21 27.03 6.41
C GLN B 150 2.26 25.67 7.12
N GLY B 151 3.19 24.82 6.72
CA GLY B 151 3.41 23.54 7.36
C GLY B 151 2.55 22.39 6.88
N THR B 152 1.78 22.63 5.81
CA THR B 152 0.85 21.64 5.28
C THR B 152 1.55 20.68 4.32
N PHE B 153 1.28 19.39 4.48
CA PHE B 153 1.76 18.41 3.51
C PHE B 153 1.11 18.64 2.15
N ILE B 154 1.94 18.70 1.11
CA ILE B 154 1.48 18.98 -0.24
C ILE B 154 1.43 17.70 -1.07
N CYS B 155 2.58 17.08 -1.26
CA CYS B 155 2.68 15.87 -2.07
C CYS B 155 4.07 15.29 -1.89
N GLU B 156 4.22 14.06 -2.37
CA GLU B 156 5.47 13.32 -2.28
C GLU B 156 6.20 13.40 -3.61
N TYR B 157 7.52 13.44 -3.59
CA TYR B 157 8.30 13.33 -4.83
C TYR B 157 8.35 11.85 -5.20
N VAL B 158 7.55 11.47 -6.18
CA VAL B 158 7.38 10.07 -6.57
C VAL B 158 7.98 9.81 -7.93
N GLY B 159 8.68 8.69 -8.07
CA GLY B 159 9.26 8.31 -9.34
C GLY B 159 9.88 6.93 -9.27
N GLU B 160 10.88 6.74 -10.12
CA GLU B 160 11.58 5.47 -10.28
C GLU B 160 12.83 5.48 -9.41
N LEU B 161 12.90 4.58 -8.43
CA LEU B 161 14.10 4.46 -7.59
C LEU B 161 15.24 3.85 -8.38
N ILE B 162 16.35 4.59 -8.50
CA ILE B 162 17.52 4.10 -9.23
C ILE B 162 18.82 4.37 -8.45
N SER B 163 19.85 3.61 -8.80
CA SER B 163 21.17 3.81 -8.21
C SER B 163 21.83 5.02 -8.85
N ASP B 164 22.86 5.53 -8.17
CA ASP B 164 23.62 6.65 -8.72
C ASP B 164 24.30 6.23 -10.01
N ALA B 165 24.75 4.98 -10.09
CA ALA B 165 25.42 4.49 -11.30
C ALA B 165 24.45 4.52 -12.49
N GLU B 166 23.21 4.13 -12.24
CA GLU B 166 22.19 4.20 -13.27
C GLU B 166 21.87 5.63 -13.66
N ALA B 167 21.85 6.52 -12.66
CA ALA B 167 21.57 7.93 -12.92
C ALA B 167 22.64 8.54 -13.83
N ASP B 168 23.89 8.10 -13.66
CA ASP B 168 25.00 8.61 -14.47
C ASP B 168 24.89 8.20 -15.93
N VAL B 169 24.23 7.07 -16.19
CA VAL B 169 24.07 6.53 -17.52
C VAL B 169 22.98 7.26 -18.31
N ARG B 170 22.02 7.81 -17.58
CA ARG B 170 20.84 8.42 -18.18
C ARG B 170 21.07 9.83 -18.74
N GLU B 171 20.35 10.13 -19.81
CA GLU B 171 20.54 11.36 -20.56
C GLU B 171 19.95 12.60 -19.88
N ASP B 172 18.78 12.44 -19.27
CA ASP B 172 18.04 13.57 -18.72
C ASP B 172 18.04 13.57 -17.18
N ASP B 173 18.57 14.65 -16.59
CA ASP B 173 18.58 14.77 -15.13
C ASP B 173 17.56 15.80 -14.63
N SER B 174 16.70 16.26 -15.53
CA SER B 174 15.74 17.31 -15.23
C SER B 174 14.66 16.91 -14.24
N TYR B 175 14.53 15.62 -14.01
CA TYR B 175 13.54 15.10 -13.07
C TYR B 175 14.18 14.19 -12.05
N LEU B 176 15.46 14.37 -11.84
CA LEU B 176 16.26 13.49 -10.99
C LEU B 176 16.42 14.09 -9.60
N PHE B 177 16.08 13.31 -8.57
CA PHE B 177 16.20 13.79 -7.20
C PHE B 177 17.19 12.90 -6.44
N ASP B 178 18.26 13.50 -5.93
CA ASP B 178 19.31 12.79 -5.20
C ASP B 178 18.90 12.71 -3.73
N LEU B 179 18.84 11.49 -3.18
CA LEU B 179 18.37 11.31 -1.80
C LEU B 179 19.47 11.66 -0.78
N ASP B 180 20.67 11.96 -1.29
CA ASP B 180 21.80 12.56 -0.54
C ASP B 180 22.39 11.60 0.48
N ASN B 181 22.58 10.36 0.06
CA ASN B 181 23.28 9.38 0.86
C ASN B 181 24.79 9.65 0.79
N LYS B 182 25.52 9.23 1.82
CA LYS B 182 26.95 9.53 1.91
C LYS B 182 27.70 8.46 2.71
N GLU B 185 25.55 4.21 0.18
CA GLU B 185 25.67 4.47 -1.25
C GLU B 185 24.50 5.33 -1.75
N VAL B 186 24.73 6.06 -2.85
CA VAL B 186 23.77 7.05 -3.33
C VAL B 186 22.63 6.46 -4.15
N TYR B 187 21.40 6.82 -3.80
CA TYR B 187 20.23 6.48 -4.60
C TYR B 187 19.45 7.72 -4.99
N CYS B 188 18.70 7.59 -6.08
CA CYS B 188 17.95 8.71 -6.62
C CYS B 188 16.54 8.29 -6.95
N ILE B 189 15.66 9.30 -7.05
CA ILE B 189 14.34 9.09 -7.60
C ILE B 189 14.30 9.81 -8.94
N ASP B 190 14.13 9.06 -10.01
CA ASP B 190 14.04 9.64 -11.34
C ASP B 190 12.58 9.67 -11.75
N ALA B 191 12.03 10.87 -11.93
CA ALA B 191 10.64 11.00 -12.35
C ALA B 191 10.49 11.24 -13.86
N ARG B 192 11.54 11.00 -14.63
CA ARG B 192 11.48 11.25 -16.06
C ARG B 192 10.44 10.36 -16.75
N TYR B 193 10.47 9.07 -16.46
CA TYR B 193 9.63 8.13 -17.19
C TYR B 193 8.39 7.77 -16.39
N TYR B 194 8.56 7.66 -15.08
CA TYR B 194 7.47 7.41 -14.13
C TYR B 194 7.55 8.46 -13.04
N GLY B 195 6.44 9.14 -12.77
CA GLY B 195 6.44 10.15 -11.72
C GLY B 195 5.04 10.59 -11.39
N ASN B 196 4.90 11.40 -10.33
CA ASN B 196 3.61 11.99 -10.01
C ASN B 196 3.63 13.50 -10.26
N ILE B 197 2.70 14.21 -9.64
CA ILE B 197 2.56 15.64 -9.86
C ILE B 197 3.82 16.45 -9.51
N SER B 198 4.64 15.92 -8.60
CA SER B 198 5.85 16.61 -8.15
C SER B 198 6.87 16.85 -9.26
N ARG B 199 6.86 16.00 -10.30
CA ARG B 199 7.85 16.14 -11.38
C ARG B 199 7.68 17.47 -12.10
N PHE B 200 6.53 18.09 -11.93
CA PHE B 200 6.25 19.35 -12.60
C PHE B 200 6.49 20.59 -11.75
N ILE B 201 6.88 20.41 -10.50
CA ILE B 201 7.12 21.56 -9.62
C ILE B 201 8.45 22.19 -9.96
N ASN B 202 8.41 23.48 -10.28
CA ASN B 202 9.59 24.21 -10.70
C ASN B 202 10.46 24.71 -9.55
N HIS B 203 11.66 25.17 -9.88
CA HIS B 203 12.53 25.84 -8.93
C HIS B 203 12.07 27.27 -8.72
N LEU B 204 12.07 27.73 -7.47
CA LEU B 204 11.85 29.14 -7.17
C LEU B 204 12.93 29.62 -6.21
N CYS B 205 13.51 30.78 -6.49
CA CYS B 205 14.51 31.35 -5.58
C CYS B 205 13.82 31.91 -4.34
N ASP B 206 12.52 32.15 -4.45
CA ASP B 206 11.70 32.49 -3.30
C ASP B 206 10.69 31.37 -3.07
N PRO B 207 11.15 30.22 -2.58
CA PRO B 207 10.30 29.02 -2.57
C PRO B 207 9.21 29.08 -1.52
N ASN B 208 8.16 28.29 -1.74
CA ASN B 208 7.09 28.20 -0.76
C ASN B 208 6.83 26.79 -0.26
N ILE B 209 7.62 25.82 -0.72
CA ILE B 209 7.56 24.47 -0.16
C ILE B 209 8.97 23.95 0.06
N ILE B 210 9.10 22.97 0.95
CA ILE B 210 10.40 22.38 1.25
C ILE B 210 10.33 20.86 1.21
N PRO B 211 11.41 20.20 0.74
CA PRO B 211 11.44 18.74 0.78
C PRO B 211 11.90 18.23 2.15
N VAL B 212 11.26 17.16 2.62
CA VAL B 212 11.59 16.58 3.91
C VAL B 212 11.74 15.06 3.72
N ARG B 213 12.77 14.48 4.31
CA ARG B 213 13.00 13.04 4.23
C ARG B 213 12.13 12.33 5.26
N VAL B 214 11.37 11.33 4.83
CA VAL B 214 10.38 10.66 5.68
C VAL B 214 10.50 9.14 5.56
N PHE B 215 10.29 8.46 6.69
CA PHE B 215 10.20 7.01 6.71
C PHE B 215 8.84 6.59 7.21
N MET B 216 8.28 5.59 6.54
CA MET B 216 6.93 5.12 6.82
C MET B 216 6.91 3.59 7.00
N LEU B 217 6.68 2.84 5.93
CA LEU B 217 6.54 1.39 6.05
C LEU B 217 7.86 0.63 6.20
N HIS B 218 8.98 1.29 5.89
CA HIS B 218 10.30 0.71 6.14
C HIS B 218 11.20 1.78 6.71
N GLN B 219 12.33 1.39 7.30
CA GLN B 219 13.26 2.37 7.85
C GLN B 219 14.67 2.17 7.31
N ASP B 220 14.74 1.77 6.05
CA ASP B 220 16.01 1.63 5.34
C ASP B 220 16.51 3.03 5.02
N LEU B 221 17.52 3.51 5.74
CA LEU B 221 17.94 4.90 5.66
C LEU B 221 18.54 5.26 4.32
N ARG B 222 18.86 4.25 3.52
CA ARG B 222 19.32 4.49 2.17
C ARG B 222 18.19 5.02 1.27
N PHE B 223 16.95 4.77 1.67
CA PHE B 223 15.80 5.09 0.84
C PHE B 223 14.76 5.96 1.55
N PRO B 224 15.15 7.18 1.95
CA PRO B 224 14.11 8.12 2.42
C PRO B 224 13.10 8.39 1.32
N ARG B 225 11.86 8.65 1.71
CA ARG B 225 10.85 9.17 0.81
C ARG B 225 10.83 10.69 0.98
N ILE B 226 10.53 11.41 -0.09
CA ILE B 226 10.62 12.86 -0.08
C ILE B 226 9.22 13.46 -0.05
N ALA B 227 8.91 14.16 1.04
CA ALA B 227 7.61 14.82 1.20
C ALA B 227 7.77 16.34 1.12
N PHE B 228 6.92 17.00 0.37
CA PHE B 228 6.93 18.46 0.34
C PHE B 228 5.92 19.03 1.31
N PHE B 229 6.35 20.00 2.10
CA PHE B 229 5.49 20.74 3.01
C PHE B 229 5.56 22.22 2.65
N SER B 230 4.48 22.97 2.83
CA SER B 230 4.54 24.40 2.58
C SER B 230 5.41 25.06 3.66
N SER B 231 6.23 26.02 3.26
CA SER B 231 7.11 26.70 4.20
C SER B 231 6.54 28.05 4.62
N ARG B 232 5.42 28.42 4.00
CA ARG B 232 4.69 29.65 4.35
C ARG B 232 3.25 29.49 3.90
N ASP B 233 2.37 30.40 4.32
CA ASP B 233 1.00 30.41 3.81
C ASP B 233 1.03 30.61 2.31
N ILE B 234 0.27 29.79 1.58
CA ILE B 234 0.19 29.89 0.12
C ILE B 234 -1.21 30.31 -0.29
N ARG B 235 -1.34 31.21 -1.25
CA ARG B 235 -2.64 31.69 -1.70
C ARG B 235 -3.07 30.96 -2.97
N THR B 236 -4.37 30.94 -3.21
CA THR B 236 -4.93 30.35 -4.42
C THR B 236 -4.26 30.95 -5.66
N GLY B 237 -3.83 30.09 -6.58
CA GLY B 237 -3.23 30.55 -7.82
C GLY B 237 -1.70 30.66 -7.77
N GLU B 238 -1.14 30.64 -6.57
CA GLU B 238 0.30 30.77 -6.41
C GLU B 238 1.02 29.53 -6.95
N GLU B 239 2.03 29.74 -7.78
CA GLU B 239 2.85 28.61 -8.23
C GLU B 239 3.63 28.02 -7.05
N LEU B 240 3.62 26.69 -6.97
CA LEU B 240 4.44 25.99 -5.99
C LEU B 240 5.87 25.87 -6.47
N GLY B 241 6.83 26.02 -5.56
CA GLY B 241 8.22 25.81 -5.93
C GLY B 241 9.11 25.57 -4.73
N PHE B 242 10.18 24.82 -4.96
CA PHE B 242 11.19 24.64 -3.92
C PHE B 242 12.55 25.00 -4.48
N ASP B 243 13.52 25.08 -3.58
CA ASP B 243 14.90 25.34 -3.96
C ASP B 243 15.51 24.05 -4.49
N TYR B 244 15.74 23.97 -5.80
CA TYR B 244 16.37 22.79 -6.40
C TYR B 244 17.78 22.55 -5.87
N GLY B 245 18.41 23.62 -5.39
CA GLY B 245 19.75 23.53 -4.81
C GLY B 245 20.83 24.04 -5.75
N ASP B 246 21.94 24.48 -5.16
CA ASP B 246 23.05 25.03 -5.95
C ASP B 246 23.64 23.99 -6.89
N ARG B 247 23.64 22.72 -6.47
CA ARG B 247 24.22 21.67 -7.28
C ARG B 247 23.50 21.53 -8.61
N PHE B 248 22.17 21.56 -8.57
CA PHE B 248 21.36 21.53 -9.78
C PHE B 248 21.78 22.66 -10.71
N TRP B 249 21.89 23.87 -10.17
CA TRP B 249 22.17 25.02 -10.99
C TRP B 249 23.61 25.08 -11.46
N ASP B 250 24.53 24.49 -10.70
CA ASP B 250 25.93 24.40 -11.16
C ASP B 250 26.00 23.52 -12.40
N ILE B 251 25.16 22.49 -12.45
CA ILE B 251 25.08 21.61 -13.60
C ILE B 251 24.37 22.30 -14.77
N LYS B 252 23.24 22.92 -14.47
CA LYS B 252 22.31 23.35 -15.51
C LYS B 252 22.51 24.75 -16.05
N SER B 253 23.23 25.61 -15.31
CA SER B 253 23.30 27.03 -15.68
C SER B 253 23.98 27.26 -17.03
N LYS B 254 24.75 26.29 -17.49
CA LYS B 254 25.38 26.38 -18.80
C LYS B 254 24.37 26.10 -19.93
N TYR B 255 23.21 25.55 -19.58
CA TYR B 255 22.17 25.22 -20.56
C TYR B 255 20.99 26.17 -20.50
N PHE B 256 20.62 26.58 -19.29
CA PHE B 256 19.58 27.58 -19.12
C PHE B 256 19.74 28.26 -17.76
N THR B 257 19.10 29.42 -17.60
CA THR B 257 19.21 30.16 -16.35
C THR B 257 17.84 30.37 -15.74
N CYS B 258 17.82 30.82 -14.49
CA CYS B 258 16.57 30.88 -13.73
C CYS B 258 15.62 31.94 -14.26
N GLN B 259 14.36 31.56 -14.42
CA GLN B 259 13.35 32.48 -14.92
C GLN B 259 12.28 32.79 -13.87
N CYS B 260 12.60 32.55 -12.60
CA CYS B 260 11.60 32.73 -11.54
C CYS B 260 11.22 34.21 -11.34
N GLY B 261 12.11 35.13 -11.71
CA GLY B 261 11.79 36.55 -11.72
C GLY B 261 11.69 37.21 -10.35
N SER B 262 12.13 36.51 -9.32
CA SER B 262 12.20 37.10 -7.99
C SER B 262 13.29 38.17 -7.89
N GLU B 263 13.08 39.18 -7.04
CA GLU B 263 14.09 40.20 -6.83
C GLU B 263 15.30 39.60 -6.12
N LYS B 264 15.10 38.45 -5.48
CA LYS B 264 16.20 37.78 -4.79
C LYS B 264 16.70 36.58 -5.60
N CYS B 265 16.41 36.55 -6.90
CA CYS B 265 16.85 35.46 -7.76
C CYS B 265 18.36 35.29 -7.74
N LYS B 266 18.79 34.06 -7.48
CA LYS B 266 20.19 33.71 -7.32
C LYS B 266 20.81 33.11 -8.58
N HIS B 267 19.97 32.72 -9.53
CA HIS B 267 20.43 31.88 -10.62
C HIS B 267 20.05 32.41 -12.00
N SER B 268 19.62 33.66 -12.06
CA SER B 268 19.32 34.29 -13.33
C SER B 268 20.62 34.57 -14.08
N ALA B 269 20.52 34.81 -15.38
CA ALA B 269 21.69 35.18 -16.15
C ALA B 269 22.36 36.40 -15.53
N GLU B 270 21.55 37.37 -15.13
CA GLU B 270 22.06 38.59 -14.52
C GLU B 270 22.76 38.30 -13.19
N ALA B 271 22.15 37.48 -12.35
CA ALA B 271 22.76 37.11 -11.07
C ALA B 271 24.10 36.41 -11.28
N ILE B 272 24.14 35.49 -12.24
CA ILE B 272 25.35 34.74 -12.53
C ILE B 272 26.45 35.64 -13.08
N ALA B 273 26.10 36.52 -14.02
CA ALA B 273 27.08 37.43 -14.61
C ALA B 273 27.70 38.36 -13.56
N LEU B 274 26.86 38.87 -12.67
CA LEU B 274 27.32 39.77 -11.62
C LEU B 274 28.35 39.10 -10.71
N GLU B 275 28.06 37.86 -10.32
CA GLU B 275 28.98 37.10 -9.47
C GLU B 275 30.28 36.79 -10.20
N GLN B 276 30.17 36.51 -11.49
CA GLN B 276 31.35 36.19 -12.30
C GLN B 276 32.24 37.43 -12.51
N SER B 277 31.63 38.58 -12.79
CA SER B 277 32.39 39.81 -13.02
C SER B 277 33.01 40.29 -11.71
N ARG B 278 32.33 40.01 -10.61
CA ARG B 278 32.88 40.25 -9.27
C ARG B 278 34.22 39.53 -9.11
N LEU B 279 34.31 38.36 -9.71
CA LEU B 279 35.54 37.57 -9.72
C LEU B 279 36.49 38.07 -10.81
ZN ZN C . -5.50 -3.40 -16.56
ZN ZN D . -8.49 -1.36 -15.35
ZN ZN E . -8.43 -2.77 -18.84
ZN ZN F . -16.21 -31.03 9.65
N SFG G . -9.69 -21.16 15.92
CA SFG G . -8.34 -20.62 15.71
C SFG G . -7.92 -19.73 16.87
O SFG G . -8.64 -19.67 17.88
OXT SFG G . -6.84 -19.10 16.78
CB SFG G . -8.29 -19.84 14.39
CG SFG G . -8.10 -20.75 13.17
CD SFG G . -6.69 -21.34 13.00
NE SFG G . -6.13 -20.82 11.76
C5' SFG G . -6.70 -22.88 12.88
C4' SFG G . -6.93 -23.61 14.20
O4' SFG G . -8.29 -23.47 14.62
C3' SFG G . -6.77 -25.13 14.07
O3' SFG G . -5.42 -25.56 14.27
C2' SFG G . -7.66 -25.64 15.17
O2' SFG G . -7.05 -25.44 16.45
C1' SFG G . -8.84 -24.71 15.08
N9 SFG G . -9.82 -25.18 14.08
C8 SFG G . -10.08 -24.59 12.90
N7 SFG G . -11.07 -25.28 12.28
C5 SFG G . -11.43 -26.29 13.11
C6 SFG G . -12.37 -27.32 13.02
N6 SFG G . -13.17 -27.44 11.95
N1 SFG G . -12.47 -28.19 14.05
C2 SFG G . -11.69 -28.08 15.13
N3 SFG G . -10.77 -27.11 15.24
C4 SFG G . -10.64 -26.21 14.24
C10 A1L09 H . -5.60 -23.15 6.19
C11 A1L09 H . -4.74 -22.02 6.80
C12 A1L09 H . -4.39 -22.27 8.26
C13 A1L09 H . -2.79 -25.79 5.58
C16 A1L09 H . -0.90 -26.64 6.98
C01 A1L09 H . -3.37 -23.80 -2.28
C02 A1L09 H . -3.87 -23.98 -0.92
N03 A1L09 H . -3.15 -24.07 0.22
C04 A1L09 H . -3.97 -24.26 1.32
C05 A1L09 H . -3.50 -24.34 2.69
O06 A1L09 H . -2.32 -24.07 2.89
N07 A1L09 H . -4.27 -24.68 3.79
C08 A1L09 H . -3.80 -24.65 5.16
C09 A1L09 H . -4.94 -24.55 6.15
O14 A1L09 H . -2.87 -26.88 5.01
N15 A1L09 H . -1.84 -25.60 6.57
C17 A1L09 H . 0.48 -26.50 6.38
C18 A1L09 H . 0.73 -25.61 5.34
C19 A1L09 H . 1.99 -25.45 4.76
C20 A1L09 H . 3.11 -26.17 5.21
C21 A1L09 H . 4.48 -25.96 4.55
N22 A1L09 H . 4.93 -26.91 3.49
C23 A1L09 H . 5.16 -28.28 4.01
C24 A1L09 H . 3.98 -27.02 2.34
C25 A1L09 H . 2.85 -27.06 6.26
C26 A1L09 H . 1.59 -27.22 6.83
C27 A1L09 H . -5.30 -24.26 0.84
C28 A1L09 H . -6.58 -24.40 1.59
C29 A1L09 H . -5.23 -24.09 -0.58
C30 A1L09 H . -6.25 -24.06 -1.63
O31 A1L09 H . -7.44 -24.20 -1.47
C32 A1L09 H . -5.75 -23.88 -3.07
C33 A1L09 H . -4.40 -23.17 -3.22
C34 A1L09 H . -3.92 -23.24 -4.66
C35 A1L09 H . -4.61 -21.70 -2.87
ZN ZN I . 4.77 4.77 16.17
ZN ZN J . 1.17 6.33 16.04
ZN ZN K . 3.38 6.59 19.18
ZN ZN L . 15.43 32.54 -9.62
N SFG M . 8.89 22.78 -16.09
CA SFG M . 9.12 21.33 -16.14
C SFG M . 8.30 20.69 -17.23
O SFG M . 7.62 21.44 -17.99
OXT SFG M . 8.31 19.44 -17.39
CB SFG M . 8.82 20.69 -14.78
CG SFG M . 9.96 20.86 -13.77
CD SFG M . 11.19 19.98 -14.07
NE SFG M . 11.34 19.00 -13.00
C5' SFG M . 12.48 20.82 -14.09
C4' SFG M . 12.70 21.56 -15.41
O4' SFG M . 11.80 22.68 -15.49
C3' SFG M . 14.08 22.19 -15.53
O3' SFG M . 15.04 21.31 -16.11
C2' SFG M . 13.82 23.39 -16.41
O2' SFG M . 13.65 22.99 -17.78
C1' SFG M . 12.49 23.88 -15.92
N9 SFG M . 12.61 24.81 -14.77
C8 SFG M . 12.26 24.57 -13.50
N7 SFG M . 12.50 25.66 -12.75
C5 SFG M . 13.02 26.61 -13.57
C6 SFG M . 13.43 27.92 -13.36
N6 SFG M . 13.38 28.50 -12.13
N1 SFG M . 13.90 28.62 -14.42
C2 SFG M . 13.96 28.06 -15.64
N3 SFG M . 13.55 26.80 -15.87
C4 SFG M . 13.06 26.07 -14.84
C10 A1L09 N . 15.09 18.98 -8.09
C11 A1L09 N . 14.47 17.71 -8.73
C12 A1L09 N . 14.38 17.82 -10.25
C13 A1L09 N . 18.85 17.99 -8.41
C16 A1L09 N . 20.19 17.08 -10.35
C01 A1L09 N . 18.68 16.08 -0.59
C02 A1L09 N . 18.29 16.86 -1.78
N03 A1L09 N . 18.43 16.50 -3.09
C04 A1L09 N . 17.96 17.47 -3.93
C05 A1L09 N . 17.94 17.35 -5.37
O06 A1L09 N . 18.25 16.25 -5.84
N07 A1L09 N . 17.57 18.34 -6.24
C08 A1L09 N . 17.48 18.13 -7.66
C09 A1L09 N . 16.60 19.17 -8.35
O14 A1L09 N . 19.84 18.55 -7.94
N15 A1L09 N . 18.95 17.24 -9.57
C17 A1L09 N . 20.89 15.76 -10.19
C18 A1L09 N . 20.49 14.82 -9.23
C19 A1L09 N . 21.14 13.60 -9.07
C20 A1L09 N . 22.24 13.23 -9.87
C21 A1L09 N . 22.93 11.90 -9.68
N22 A1L09 N . 24.09 11.85 -8.72
C23 A1L09 N . 25.26 12.66 -9.19
C24 A1L09 N . 23.74 12.33 -7.35
C25 A1L09 N . 22.63 14.18 -10.82
C26 A1L09 N . 21.98 15.40 -10.98
C27 A1L09 N . 17.44 18.53 -3.10
C28 A1L09 N . 16.81 19.81 -3.49
C29 A1L09 N . 17.66 18.11 -1.74
C30 A1L09 N . 17.41 18.75 -0.45
O31 A1L09 N . 16.91 19.85 -0.32
C32 A1L09 N . 17.85 18.01 0.81
C33 A1L09 N . 17.94 16.48 0.69
C34 A1L09 N . 18.63 15.88 1.93
C35 A1L09 N . 16.52 15.93 0.66
#